data_3BK2
#
_entry.id   3BK2
#
_cell.length_a   98.080
_cell.length_b   118.000
_cell.length_c   228.320
_cell.angle_alpha   90.000
_cell.angle_beta   90.000
_cell.angle_gamma   90.000
#
_symmetry.space_group_name_H-M   'F 2 2 2'
#
loop_
_entity.id
_entity.type
_entity.pdbx_description
1 polymer 'Metal dependent hydrolase'
2 non-polymer 'SULFATE ION'
3 non-polymer 'ZINC ION'
4 non-polymer "URIDINE-5'-MONOPHOSPHATE"
5 non-polymer GLYCEROL
6 water water
#
_entity_poly.entity_id   1
_entity_poly.type   'polypeptide(L)'
_entity_poly.pdbx_seq_one_letter_code
;MSHHHHHHSQGGPQDHVEIIPLGG(MSE)GEIGKNITVFRFRDEIFVLDGGLAFPEEG(MSE)PGVDLLIPRVDYLIEHR
HKIKAWVLTHGHEDHIGGLPFLLP(MSE)IFGKESPVPIYGARLTLGLLRGKLEEFGLRPGAFNLKEISPDDRIQVGRYF
TLDLFR(MSE)THSIPDNSGVVIRTPIGTIVHTGDFKLDPTPIDGKVSHLAKVAQAGAEGVLLLIADATNAERPGYTPSE
(MSE)EIAKELDRVIGRAPGRVFVTTFASHIHRIQSVIWAAEKYGRKVA(MSE)EGRS(MSE)LKFSRIALELGYLKVKD
RLYTLEEVKDLPDHQVLILATGSQGQP(MSE)SVLHRLAFEGHAK(MSE)AIKPGDTVILSSSPIPGNEEAVNRVINRLY
ALGAYVLYPPTYKVHASGHASQEELKLILNLTTPRFFLPWHGEVRHQ(MSE)NFKWLAES(MSE)SRPPEKTLIGENGAV
YRLTRETFEKVGEVPHGVLYVDGLGVGDITEEILADRRH(MSE)AEEGLVVITALAGEDPVVEVVSRGFVKAGERLLGEV
RR(MSE)ALEALKNGVREKKPLERIRDDIYYPVKKFLKKATGRDP(MSE)ILPVVIEG
;
_entity_poly.pdbx_strand_id   A
#
# COMPACT_ATOMS: atom_id res chain seq x y z
N GLN A 14 -35.30 3.91 -11.44
CA GLN A 14 -34.38 4.21 -12.57
C GLN A 14 -33.02 4.73 -12.08
N ASP A 15 -33.04 5.56 -11.05
CA ASP A 15 -31.80 6.12 -10.51
C ASP A 15 -30.92 5.04 -9.88
N HIS A 16 -29.61 5.23 -9.99
CA HIS A 16 -28.67 4.27 -9.42
C HIS A 16 -27.32 4.90 -9.15
N VAL A 17 -26.65 4.40 -8.13
CA VAL A 17 -25.32 4.89 -7.78
C VAL A 17 -24.32 3.88 -8.35
N GLU A 18 -23.21 4.38 -8.87
CA GLU A 18 -22.20 3.49 -9.40
C GLU A 18 -20.95 3.57 -8.51
N ILE A 19 -20.49 2.42 -8.05
CA ILE A 19 -19.31 2.36 -7.19
C ILE A 19 -18.21 1.71 -8.01
N ILE A 20 -17.08 2.40 -8.12
CA ILE A 20 -15.96 1.90 -8.91
C ILE A 20 -14.62 1.95 -8.19
N PRO A 21 -14.18 0.81 -7.64
CA PRO A 21 -12.90 0.78 -6.93
C PRO A 21 -11.75 0.77 -7.93
N LEU A 22 -10.72 1.57 -7.68
CA LEU A 22 -9.56 1.61 -8.58
C LEU A 22 -8.34 1.08 -7.83
N GLY A 23 -8.53 0.85 -6.54
CA GLY A 23 -7.46 0.33 -5.71
C GLY A 23 -8.03 0.03 -4.33
N GLY A 24 -7.43 -0.94 -3.62
CA GLY A 24 -7.91 -1.28 -2.29
C GLY A 24 -8.86 -2.47 -2.20
N GLY A 26 -9.44 -6.45 -2.79
CA GLY A 26 -8.68 -7.67 -2.99
C GLY A 26 -7.22 -7.47 -2.64
N GLU A 27 -6.95 -6.43 -1.87
CA GLU A 27 -5.59 -6.10 -1.44
C GLU A 27 -5.68 -5.15 -0.28
N ILE A 28 -4.54 -4.93 0.37
CA ILE A 28 -4.44 -3.99 1.46
C ILE A 28 -3.44 -2.95 0.94
N GLY A 29 -3.95 -1.80 0.51
CA GLY A 29 -3.10 -0.76 -0.03
C GLY A 29 -3.74 0.00 -1.19
N LYS A 30 -3.11 1.12 -1.56
CA LYS A 30 -3.56 2.02 -2.62
C LYS A 30 -5.06 2.18 -2.78
N ASN A 31 -5.72 2.54 -1.67
CA ASN A 31 -7.15 2.74 -1.63
C ASN A 31 -7.60 3.99 -2.37
N ILE A 32 -8.64 3.80 -3.17
CA ILE A 32 -9.26 4.86 -3.94
C ILE A 32 -10.55 4.25 -4.45
N THR A 33 -11.67 4.90 -4.17
CA THR A 33 -12.96 4.39 -4.59
C THR A 33 -13.78 5.52 -5.19
N VAL A 34 -14.33 5.27 -6.37
CA VAL A 34 -15.12 6.27 -7.07
C VAL A 34 -16.62 6.04 -6.88
N PHE A 35 -17.33 7.12 -6.56
CA PHE A 35 -18.77 7.05 -6.40
C PHE A 35 -19.37 7.98 -7.46
N ARG A 36 -20.47 7.55 -8.06
CA ARG A 36 -21.09 8.37 -9.08
C ARG A 36 -22.60 8.24 -9.14
N PHE A 37 -23.24 9.37 -9.38
CA PHE A 37 -24.69 9.43 -9.53
C PHE A 37 -24.87 10.32 -10.78
N ARG A 38 -25.52 9.78 -11.80
CA ARG A 38 -25.72 10.52 -13.05
C ARG A 38 -24.39 11.02 -13.57
N ASP A 39 -24.20 12.33 -13.58
CA ASP A 39 -22.95 12.90 -14.07
C ASP A 39 -22.08 13.62 -13.03
N GLU A 40 -22.24 13.23 -11.77
CA GLU A 40 -21.44 13.84 -10.70
C GLU A 40 -20.64 12.78 -9.94
N ILE A 41 -19.34 12.98 -9.87
CA ILE A 41 -18.44 12.04 -9.21
C ILE A 41 -17.70 12.62 -8.01
N PHE A 42 -17.43 11.78 -7.01
CA PHE A 42 -16.61 12.21 -5.89
C PHE A 42 -15.72 10.99 -5.62
N VAL A 43 -14.50 11.23 -5.20
CA VAL A 43 -13.56 10.15 -4.96
C VAL A 43 -13.22 10.05 -3.48
N LEU A 44 -13.14 8.81 -3.00
CA LEU A 44 -12.80 8.55 -1.60
C LEU A 44 -11.36 8.03 -1.53
N ASP A 45 -10.46 8.89 -1.07
CA ASP A 45 -9.03 8.59 -0.91
C ASP A 45 -8.27 8.38 -2.23
N GLY A 46 -6.95 8.31 -2.11
CA GLY A 46 -6.08 8.09 -3.25
C GLY A 46 -4.74 7.69 -2.69
N GLY A 47 -4.67 6.48 -2.16
CA GLY A 47 -3.43 6.03 -1.56
C GLY A 47 -2.43 5.38 -2.51
N LEU A 48 -1.31 4.98 -1.95
CA LEU A 48 -0.28 4.28 -2.71
C LEU A 48 -0.17 2.92 -2.02
N ALA A 49 0.64 2.05 -2.59
CA ALA A 49 0.88 0.75 -1.97
C ALA A 49 2.38 0.60 -1.97
N PHE A 50 2.92 0.05 -0.88
CA PHE A 50 4.35 -0.17 -0.79
C PHE A 50 4.66 -1.45 -1.57
N PRO A 51 5.88 -1.57 -2.12
CA PRO A 51 6.29 -2.73 -2.89
C PRO A 51 6.77 -3.90 -2.05
N GLU A 52 6.64 -5.10 -2.61
CA GLU A 52 7.09 -6.31 -1.94
C GLU A 52 8.59 -6.40 -2.29
N GLU A 53 9.35 -7.09 -1.45
CA GLU A 53 10.77 -7.25 -1.74
C GLU A 53 10.80 -8.12 -3.01
N GLY A 54 11.93 -8.15 -3.69
CA GLY A 54 11.99 -8.94 -4.91
C GLY A 54 11.58 -8.06 -6.07
N PRO A 56 12.77 -4.94 -6.50
CA PRO A 56 13.77 -3.91 -6.24
C PRO A 56 13.67 -2.76 -7.22
N GLY A 57 14.16 -1.60 -6.81
CA GLY A 57 14.11 -0.43 -7.68
C GLY A 57 12.84 0.36 -7.47
N VAL A 58 11.71 -0.35 -7.38
CA VAL A 58 10.40 0.28 -7.19
C VAL A 58 10.26 0.89 -5.79
N ASP A 59 9.91 2.18 -5.73
CA ASP A 59 9.73 2.85 -4.45
C ASP A 59 8.31 2.74 -3.94
N LEU A 60 7.35 2.91 -4.84
CA LEU A 60 5.95 2.86 -4.48
C LEU A 60 5.07 2.54 -5.68
N LEU A 61 3.85 2.07 -5.41
CA LEU A 61 2.91 1.75 -6.47
C LEU A 61 1.70 2.65 -6.31
N ILE A 62 1.15 3.10 -7.44
CA ILE A 62 -0.04 3.94 -7.40
C ILE A 62 -1.08 3.36 -8.34
N PRO A 63 -2.36 3.57 -8.05
CA PRO A 63 -3.42 3.04 -8.90
C PRO A 63 -3.56 3.80 -10.20
N ARG A 64 -3.95 3.09 -11.26
CA ARG A 64 -4.16 3.72 -12.55
C ARG A 64 -5.51 4.43 -12.46
N VAL A 65 -5.54 5.70 -12.84
CA VAL A 65 -6.76 6.48 -12.77
C VAL A 65 -7.29 6.95 -14.13
N ASP A 66 -7.16 6.09 -15.14
CA ASP A 66 -7.63 6.37 -16.49
C ASP A 66 -9.06 6.88 -16.47
N TYR A 67 -9.90 6.22 -15.67
CA TYR A 67 -11.31 6.57 -15.56
C TYR A 67 -11.55 7.99 -15.07
N LEU A 68 -10.74 8.43 -14.11
CA LEU A 68 -10.89 9.77 -13.55
C LEU A 68 -10.31 10.84 -14.47
N ILE A 69 -9.30 10.47 -15.23
CA ILE A 69 -8.68 11.42 -16.15
C ILE A 69 -9.70 11.72 -17.24
N GLU A 70 -10.36 10.67 -17.71
CA GLU A 70 -11.37 10.77 -18.75
C GLU A 70 -12.59 11.56 -18.29
N HIS A 71 -13.01 11.34 -17.05
CA HIS A 71 -14.19 12.01 -16.49
C HIS A 71 -13.81 13.11 -15.52
N ARG A 72 -12.59 13.62 -15.64
CA ARG A 72 -12.10 14.66 -14.74
C ARG A 72 -13.06 15.80 -14.46
N HIS A 73 -13.71 16.32 -15.49
CA HIS A 73 -14.61 17.44 -15.29
C HIS A 73 -15.87 17.09 -14.50
N LYS A 74 -16.13 15.79 -14.32
CA LYS A 74 -17.32 15.34 -13.57
C LYS A 74 -17.06 15.22 -12.06
N ILE A 75 -15.80 15.23 -11.67
CA ILE A 75 -15.43 15.10 -10.25
C ILE A 75 -15.78 16.38 -9.48
N LYS A 76 -16.67 16.25 -8.51
CA LYS A 76 -17.09 17.40 -7.72
C LYS A 76 -16.30 17.59 -6.43
N ALA A 77 -15.60 16.56 -6.00
CA ALA A 77 -14.83 16.66 -4.77
C ALA A 77 -14.00 15.43 -4.54
N TRP A 78 -12.98 15.57 -3.71
CA TRP A 78 -12.14 14.44 -3.35
C TRP A 78 -12.19 14.42 -1.82
N VAL A 79 -12.57 13.27 -1.25
CA VAL A 79 -12.69 13.12 0.19
C VAL A 79 -11.65 12.15 0.75
N LEU A 80 -10.90 12.63 1.74
CA LEU A 80 -9.83 11.85 2.38
C LEU A 80 -10.19 11.47 3.83
N THR A 81 -10.18 10.17 4.11
CA THR A 81 -10.54 9.63 5.43
C THR A 81 -9.50 9.74 6.54
N HIS A 82 -8.22 9.68 6.18
CA HIS A 82 -7.14 9.80 7.14
C HIS A 82 -5.78 9.88 6.44
N GLY A 83 -4.75 10.24 7.19
CA GLY A 83 -3.42 10.43 6.63
C GLY A 83 -2.46 9.28 6.39
N HIS A 84 -2.94 8.04 6.39
CA HIS A 84 -2.07 6.89 6.12
C HIS A 84 -1.66 6.89 4.64
N GLU A 85 -0.43 6.50 4.37
CA GLU A 85 0.09 6.50 3.00
C GLU A 85 -0.80 5.75 2.02
N ASP A 86 -1.46 4.69 2.47
CA ASP A 86 -2.32 3.94 1.56
C ASP A 86 -3.70 4.61 1.40
N HIS A 87 -3.78 5.88 1.76
CA HIS A 87 -5.01 6.64 1.61
C HIS A 87 -4.78 8.02 1.00
N ILE A 88 -3.58 8.57 1.19
CA ILE A 88 -3.25 9.88 0.61
C ILE A 88 -1.89 9.90 -0.07
N GLY A 89 -1.17 8.79 0.03
CA GLY A 89 0.16 8.71 -0.56
C GLY A 89 0.28 8.84 -2.07
N GLY A 90 -0.81 8.55 -2.79
CA GLY A 90 -0.75 8.63 -4.24
C GLY A 90 -1.09 10.00 -4.80
N LEU A 91 -1.78 10.80 -3.99
CA LEU A 91 -2.21 12.14 -4.41
C LEU A 91 -1.18 13.05 -5.09
N PRO A 92 0.07 13.09 -4.58
CA PRO A 92 1.07 13.95 -5.23
C PRO A 92 1.30 13.54 -6.68
N PHE A 93 0.91 12.32 -7.01
CA PHE A 93 1.06 11.79 -8.35
C PHE A 93 -0.27 11.84 -9.10
N LEU A 94 -1.32 11.39 -8.42
CA LEU A 94 -2.66 11.35 -9.03
C LEU A 94 -3.25 12.69 -9.41
N LEU A 95 -3.14 13.67 -8.52
CA LEU A 95 -3.71 15.00 -8.79
C LEU A 95 -3.18 15.62 -10.09
N PRO A 96 -1.85 15.70 -10.27
CA PRO A 96 -1.30 16.28 -11.50
C PRO A 96 -1.78 15.51 -12.75
N ILE A 98 -4.58 14.00 -13.18
CA ILE A 98 -5.99 14.21 -13.43
C ILE A 98 -6.40 15.66 -13.72
N PHE A 99 -5.89 16.59 -12.91
CA PHE A 99 -6.25 18.01 -13.05
C PHE A 99 -5.14 18.91 -13.59
N GLY A 100 -3.90 18.45 -13.56
CA GLY A 100 -2.81 19.28 -14.01
C GLY A 100 -2.13 19.83 -12.78
N LYS A 101 -1.46 20.97 -12.89
CA LYS A 101 -0.77 21.53 -11.73
C LYS A 101 -1.64 22.41 -10.82
N GLU A 102 -2.94 22.43 -11.09
CA GLU A 102 -3.86 23.22 -10.27
C GLU A 102 -5.29 22.77 -10.50
N SER A 103 -6.16 23.06 -9.52
CA SER A 103 -7.56 22.67 -9.62
C SER A 103 -8.42 23.35 -8.56
N PRO A 104 -9.68 23.64 -8.91
CA PRO A 104 -10.66 24.28 -8.01
C PRO A 104 -11.45 23.22 -7.25
N VAL A 105 -11.32 21.96 -7.67
CA VAL A 105 -12.05 20.87 -7.05
C VAL A 105 -11.75 20.77 -5.56
N PRO A 106 -12.80 20.74 -4.73
CA PRO A 106 -12.68 20.64 -3.27
C PRO A 106 -12.05 19.31 -2.85
N ILE A 107 -11.00 19.37 -2.04
CA ILE A 107 -10.36 18.18 -1.52
C ILE A 107 -10.55 18.27 0.00
N TYR A 108 -11.54 17.55 0.52
CA TYR A 108 -11.83 17.59 1.95
C TYR A 108 -11.03 16.59 2.77
N GLY A 109 -10.66 17.01 3.97
CA GLY A 109 -9.91 16.17 4.88
C GLY A 109 -9.75 16.85 6.23
N ALA A 110 -9.53 16.05 7.26
CA ALA A 110 -9.35 16.59 8.61
C ALA A 110 -8.02 17.34 8.69
N ARG A 111 -7.85 18.09 9.77
CA ARG A 111 -6.65 18.87 10.00
C ARG A 111 -5.34 18.13 9.81
N LEU A 112 -5.16 17.01 10.52
CA LEU A 112 -3.91 16.27 10.39
C LEU A 112 -3.74 15.71 9.01
N THR A 113 -4.84 15.17 8.46
CA THR A 113 -4.83 14.58 7.13
C THR A 113 -4.32 15.57 6.09
N LEU A 114 -4.86 16.78 6.12
CA LEU A 114 -4.45 17.81 5.16
C LEU A 114 -3.05 18.34 5.48
N GLY A 115 -2.71 18.40 6.76
CA GLY A 115 -1.39 18.86 7.14
C GLY A 115 -0.35 17.95 6.51
N LEU A 116 -0.56 16.64 6.60
CA LEU A 116 0.39 15.69 6.00
C LEU A 116 0.35 15.80 4.48
N LEU A 117 -0.86 15.92 3.92
CA LEU A 117 -0.98 16.05 2.46
C LEU A 117 -0.19 17.25 1.96
N ARG A 118 -0.40 18.42 2.57
CA ARG A 118 0.31 19.63 2.17
C ARG A 118 1.82 19.40 2.23
N GLY A 119 2.25 18.65 3.24
CA GLY A 119 3.66 18.36 3.38
C GLY A 119 4.19 17.60 2.18
N LYS A 120 3.42 16.63 1.71
CA LYS A 120 3.79 15.82 0.55
C LYS A 120 3.80 16.66 -0.73
N LEU A 121 2.74 17.43 -0.95
CA LEU A 121 2.64 18.26 -2.14
C LEU A 121 3.85 19.19 -2.25
N GLU A 122 4.22 19.81 -1.14
CA GLU A 122 5.38 20.71 -1.11
C GLU A 122 6.55 20.04 -1.83
N GLU A 123 6.88 18.83 -1.37
CA GLU A 123 7.99 18.06 -1.92
C GLU A 123 7.95 17.85 -3.44
N PHE A 124 6.78 18.02 -4.05
CA PHE A 124 6.65 17.83 -5.49
C PHE A 124 6.53 19.15 -6.21
N GLY A 125 6.88 20.23 -5.52
CA GLY A 125 6.80 21.54 -6.14
C GLY A 125 5.36 21.96 -6.37
N LEU A 126 4.42 21.20 -5.83
CA LEU A 126 3.01 21.55 -5.99
C LEU A 126 2.70 22.71 -5.05
N ARG A 127 2.43 23.88 -5.64
CA ARG A 127 2.12 25.07 -4.86
C ARG A 127 1.10 24.80 -3.76
N PRO A 128 1.03 25.69 -2.77
CA PRO A 128 0.09 25.54 -1.64
C PRO A 128 -1.35 25.51 -2.14
N GLY A 129 -1.86 26.69 -2.46
CA GLY A 129 -3.22 26.83 -2.95
C GLY A 129 -3.37 26.38 -4.38
N ALA A 130 -2.37 25.67 -4.89
CA ALA A 130 -2.43 25.16 -6.24
C ALA A 130 -3.67 24.29 -6.30
N PHE A 131 -4.04 23.76 -5.14
CA PHE A 131 -5.21 22.90 -5.02
C PHE A 131 -6.12 23.45 -3.92
N ASN A 132 -7.38 23.05 -3.96
CA ASN A 132 -8.37 23.54 -3.01
C ASN A 132 -8.61 22.59 -1.84
N LEU A 133 -7.67 22.58 -0.90
CA LEU A 133 -7.80 21.71 0.28
C LEU A 133 -8.79 22.34 1.25
N LYS A 134 -9.84 21.60 1.59
CA LYS A 134 -10.84 22.09 2.51
C LYS A 134 -10.83 21.29 3.80
N GLU A 135 -10.36 21.94 4.86
CA GLU A 135 -10.25 21.34 6.17
C GLU A 135 -11.59 21.17 6.85
N ILE A 136 -11.89 19.94 7.27
CA ILE A 136 -13.14 19.64 7.94
C ILE A 136 -12.93 18.86 9.23
N SER A 137 -14.02 18.68 9.96
CA SER A 137 -13.98 17.93 11.21
C SER A 137 -14.14 16.45 10.90
N PRO A 138 -13.51 15.58 11.71
CA PRO A 138 -13.64 14.14 11.47
C PRO A 138 -15.10 13.69 11.58
N ASP A 139 -15.94 14.56 12.15
CA ASP A 139 -17.36 14.30 12.35
C ASP A 139 -18.25 15.23 11.54
N ASP A 140 -17.68 15.87 10.53
CA ASP A 140 -18.41 16.84 9.70
C ASP A 140 -19.47 16.29 8.77
N ARG A 141 -20.23 17.21 8.18
CA ARG A 141 -21.24 16.87 7.20
C ARG A 141 -20.95 17.75 5.99
N ILE A 142 -20.79 17.16 4.82
CA ILE A 142 -20.52 17.95 3.64
C ILE A 142 -21.44 17.58 2.49
N GLN A 143 -21.79 18.57 1.69
CA GLN A 143 -22.64 18.37 0.54
C GLN A 143 -21.75 18.32 -0.70
N VAL A 144 -21.90 17.25 -1.48
CA VAL A 144 -21.09 17.10 -2.67
C VAL A 144 -21.98 17.14 -3.91
N GLY A 145 -21.94 18.28 -4.60
CA GLY A 145 -22.76 18.44 -5.79
C GLY A 145 -24.22 18.43 -5.38
N ARG A 146 -25.06 17.93 -6.27
CA ARG A 146 -26.50 17.87 -6.03
C ARG A 146 -26.97 16.57 -5.41
N TYR A 147 -26.22 15.49 -5.63
CA TYR A 147 -26.65 14.17 -5.19
C TYR A 147 -26.06 13.50 -3.96
N PHE A 148 -24.95 14.02 -3.43
CA PHE A 148 -24.33 13.37 -2.26
C PHE A 148 -24.22 14.23 -1.02
N THR A 149 -24.64 13.66 0.11
CA THR A 149 -24.52 14.33 1.39
C THR A 149 -23.69 13.36 2.22
N LEU A 150 -22.47 13.75 2.55
CA LEU A 150 -21.57 12.88 3.30
C LEU A 150 -21.50 13.25 4.79
N ASP A 151 -21.78 12.28 5.63
CA ASP A 151 -21.74 12.47 7.08
C ASP A 151 -20.56 11.69 7.63
N LEU A 152 -19.47 12.37 7.90
CA LEU A 152 -18.29 11.72 8.43
C LEU A 152 -18.41 11.48 9.92
N PHE A 153 -17.77 10.41 10.39
CA PHE A 153 -17.77 10.09 11.82
C PHE A 153 -16.40 9.57 12.22
N ARG A 154 -15.90 10.07 13.34
CA ARG A 154 -14.59 9.67 13.84
C ARG A 154 -14.54 8.21 14.25
N THR A 156 -11.67 5.24 15.79
CA THR A 156 -10.33 5.01 16.30
C THR A 156 -9.57 4.19 15.27
N HIS A 157 -8.29 4.53 15.07
CA HIS A 157 -7.45 3.83 14.12
C HIS A 157 -5.99 4.04 14.53
N SER A 158 -5.05 3.69 13.66
CA SER A 158 -3.63 3.83 13.98
C SER A 158 -3.05 5.21 13.68
N ILE A 159 -3.94 6.19 13.49
CA ILE A 159 -3.53 7.57 13.24
C ILE A 159 -4.69 8.46 13.66
N PRO A 160 -4.41 9.65 14.24
CA PRO A 160 -5.48 10.55 14.67
C PRO A 160 -6.28 11.10 13.46
N ASP A 161 -7.42 11.72 13.74
CA ASP A 161 -8.24 12.32 12.68
C ASP A 161 -8.68 11.35 11.60
N ASN A 162 -9.12 10.18 12.02
CA ASN A 162 -9.56 9.15 11.09
C ASN A 162 -11.07 9.02 11.09
N SER A 163 -11.65 8.93 9.89
CA SER A 163 -13.10 8.85 9.76
C SER A 163 -13.68 7.79 8.84
N GLY A 164 -14.94 7.48 9.11
CA GLY A 164 -15.71 6.57 8.28
C GLY A 164 -16.69 7.57 7.68
N VAL A 165 -17.63 7.14 6.86
CA VAL A 165 -18.57 8.10 6.31
C VAL A 165 -19.92 7.52 5.89
N VAL A 166 -20.99 8.22 6.24
CA VAL A 166 -22.32 7.80 5.85
C VAL A 166 -22.53 8.55 4.53
N ILE A 167 -22.63 7.82 3.43
CA ILE A 167 -22.82 8.46 2.14
C ILE A 167 -24.30 8.42 1.79
N ARG A 168 -24.96 9.57 1.95
CA ARG A 168 -26.38 9.65 1.67
C ARG A 168 -26.57 9.99 0.19
N THR A 169 -27.30 9.13 -0.51
CA THR A 169 -27.55 9.29 -1.95
C THR A 169 -29.04 9.40 -2.22
N PRO A 170 -29.42 9.66 -3.49
CA PRO A 170 -30.84 9.79 -3.85
C PRO A 170 -31.61 8.46 -3.75
N ILE A 171 -30.89 7.35 -3.75
CA ILE A 171 -31.52 6.03 -3.68
C ILE A 171 -31.26 5.29 -2.37
N GLY A 172 -30.69 5.98 -1.38
CA GLY A 172 -30.42 5.33 -0.12
C GLY A 172 -29.06 5.61 0.48
N THR A 173 -28.82 5.03 1.66
CA THR A 173 -27.58 5.24 2.39
C THR A 173 -26.51 4.16 2.23
N ILE A 174 -25.29 4.61 2.03
CA ILE A 174 -24.15 3.71 1.91
C ILE A 174 -23.28 4.02 3.12
N VAL A 175 -23.13 3.06 4.03
CA VAL A 175 -22.27 3.31 5.18
C VAL A 175 -20.87 2.78 4.88
N HIS A 176 -19.88 3.66 4.93
CA HIS A 176 -18.51 3.26 4.70
C HIS A 176 -17.78 3.39 6.03
N THR A 177 -17.36 2.26 6.60
CA THR A 177 -16.69 2.25 7.90
C THR A 177 -15.33 2.94 7.90
N GLY A 178 -14.69 3.01 6.73
CA GLY A 178 -13.35 3.57 6.66
C GLY A 178 -12.45 2.58 7.37
N ASP A 179 -11.21 2.96 7.66
CA ASP A 179 -10.29 2.10 8.39
C ASP A 179 -10.65 2.23 9.88
N PHE A 180 -10.76 1.12 10.60
CA PHE A 180 -11.11 1.23 12.01
C PHE A 180 -10.98 -0.02 12.85
N LYS A 181 -10.99 0.23 14.15
CA LYS A 181 -11.02 -0.79 15.18
C LYS A 181 -11.81 0.02 16.21
N LEU A 182 -12.34 -0.64 17.24
CA LEU A 182 -13.09 0.09 18.25
C LEU A 182 -12.25 0.10 19.52
N ASP A 183 -11.21 0.91 19.52
CA ASP A 183 -10.29 1.03 20.65
C ASP A 183 -11.01 1.74 21.79
N PRO A 184 -11.25 1.04 22.90
CA PRO A 184 -11.95 1.61 24.06
C PRO A 184 -11.11 2.62 24.82
N THR A 185 -9.79 2.54 24.64
CA THR A 185 -8.89 3.44 25.34
C THR A 185 -7.76 3.98 24.45
N PRO A 186 -8.11 4.81 23.44
CA PRO A 186 -7.10 5.38 22.54
C PRO A 186 -6.13 6.34 23.24
N ILE A 187 -4.91 6.38 22.73
CA ILE A 187 -3.83 7.22 23.24
C ILE A 187 -4.15 8.71 23.32
N ASP A 188 -4.92 9.21 22.37
CA ASP A 188 -5.26 10.63 22.37
C ASP A 188 -6.59 10.92 23.06
N GLY A 189 -7.20 9.89 23.64
CA GLY A 189 -8.46 10.07 24.35
C GLY A 189 -9.66 10.35 23.46
N LYS A 190 -9.52 10.13 22.16
CA LYS A 190 -10.62 10.38 21.23
C LYS A 190 -11.26 9.07 20.76
N VAL A 191 -12.37 8.69 21.42
CA VAL A 191 -13.08 7.46 21.11
C VAL A 191 -13.88 7.53 19.81
N SER A 192 -14.29 6.36 19.31
CA SER A 192 -15.08 6.31 18.08
C SER A 192 -16.48 6.91 18.28
N HIS A 193 -16.98 7.60 17.27
CA HIS A 193 -18.32 8.19 17.34
C HIS A 193 -19.24 7.34 16.49
N LEU A 194 -20.09 6.57 17.16
CA LEU A 194 -20.99 5.64 16.47
C LEU A 194 -22.45 6.08 16.34
N ALA A 195 -22.76 7.29 16.82
CA ALA A 195 -24.13 7.79 16.75
C ALA A 195 -24.65 7.85 15.33
N LYS A 196 -23.85 8.38 14.40
CA LYS A 196 -24.29 8.45 13.01
C LYS A 196 -24.48 7.06 12.40
N VAL A 197 -23.62 6.12 12.78
CA VAL A 197 -23.72 4.77 12.27
C VAL A 197 -24.95 4.05 12.81
N ALA A 198 -25.17 4.11 14.12
CA ALA A 198 -26.33 3.46 14.71
C ALA A 198 -27.61 4.09 14.15
N GLN A 199 -27.60 5.41 14.05
CA GLN A 199 -28.73 6.18 13.50
C GLN A 199 -29.06 5.70 12.08
N ALA A 200 -28.05 5.58 11.23
CA ALA A 200 -28.26 5.12 9.86
C ALA A 200 -28.80 3.69 9.87
N GLY A 201 -28.29 2.88 10.78
CA GLY A 201 -28.76 1.50 10.87
C GLY A 201 -30.26 1.43 11.12
N ALA A 202 -30.74 2.24 12.06
CA ALA A 202 -32.16 2.27 12.38
C ALA A 202 -33.00 2.80 11.21
N GLU A 203 -32.46 3.76 10.47
CA GLU A 203 -33.18 4.33 9.32
C GLU A 203 -33.18 3.36 8.16
N GLY A 204 -32.14 2.52 8.10
CA GLY A 204 -32.04 1.53 7.04
C GLY A 204 -30.83 1.80 6.17
N VAL A 205 -29.88 0.87 6.19
CA VAL A 205 -28.67 0.99 5.39
C VAL A 205 -28.80 0.11 4.14
N LEU A 206 -28.67 0.73 2.99
CA LEU A 206 -28.77 0.02 1.72
C LEU A 206 -27.50 -0.80 1.49
N LEU A 207 -26.35 -0.14 1.61
CA LEU A 207 -25.08 -0.79 1.40
C LEU A 207 -24.04 -0.48 2.46
N LEU A 208 -23.33 -1.50 2.89
CA LEU A 208 -22.26 -1.36 3.86
C LEU A 208 -20.95 -1.73 3.18
N ILE A 209 -19.95 -0.85 3.28
CA ILE A 209 -18.61 -1.14 2.77
C ILE A 209 -17.80 -1.13 4.05
N ALA A 210 -17.13 -2.23 4.36
CA ALA A 210 -16.40 -2.32 5.62
C ALA A 210 -15.00 -2.95 5.59
N ASP A 211 -14.17 -2.48 6.52
CA ASP A 211 -12.78 -2.90 6.72
C ASP A 211 -12.70 -4.37 7.07
N ALA A 212 -12.16 -5.16 6.13
CA ALA A 212 -12.02 -6.61 6.28
C ALA A 212 -10.63 -7.11 6.69
N THR A 213 -9.71 -6.20 6.98
CA THR A 213 -8.35 -6.59 7.35
C THR A 213 -8.21 -7.77 8.31
N ASN A 214 -8.89 -7.72 9.46
CA ASN A 214 -8.80 -8.81 10.44
C ASN A 214 -10.07 -9.62 10.58
N ALA A 215 -10.81 -9.77 9.47
CA ALA A 215 -12.04 -10.53 9.49
C ALA A 215 -11.85 -12.00 9.86
N GLU A 216 -10.61 -12.48 9.78
CA GLU A 216 -10.38 -13.87 10.13
C GLU A 216 -9.90 -14.02 11.58
N ARG A 217 -9.69 -12.88 12.26
CA ARG A 217 -9.25 -12.86 13.66
C ARG A 217 -10.38 -12.82 14.68
N PRO A 218 -10.46 -13.83 15.58
CA PRO A 218 -11.52 -13.84 16.59
C PRO A 218 -11.25 -12.78 17.66
N GLY A 219 -12.28 -12.43 18.43
CA GLY A 219 -12.11 -11.47 19.50
C GLY A 219 -12.06 -10.01 19.12
N TYR A 220 -11.35 -9.24 19.93
CA TYR A 220 -11.21 -7.81 19.70
C TYR A 220 -9.75 -7.42 19.59
N THR A 221 -9.45 -6.45 18.75
CA THR A 221 -8.09 -6.00 18.57
C THR A 221 -7.63 -5.28 19.84
N PRO A 222 -6.41 -5.57 20.32
CA PRO A 222 -5.90 -4.93 21.53
C PRO A 222 -5.81 -3.42 21.35
N SER A 223 -6.07 -2.70 22.44
CA SER A 223 -6.00 -1.24 22.45
C SER A 223 -4.57 -0.73 22.30
N GLU A 224 -4.42 0.42 21.66
CA GLU A 224 -3.11 1.01 21.49
C GLU A 224 -2.47 1.25 22.86
N GLU A 226 -2.58 -0.75 25.42
CA GLU A 226 -1.94 -1.99 25.87
C GLU A 226 -0.52 -2.01 25.34
N ILE A 227 -0.36 -1.66 24.06
CA ILE A 227 0.94 -1.64 23.44
C ILE A 227 1.82 -0.60 24.12
N ALA A 228 1.23 0.56 24.40
CA ALA A 228 1.98 1.63 25.05
C ALA A 228 2.56 1.12 26.37
N LYS A 229 1.77 0.37 27.13
CA LYS A 229 2.23 -0.18 28.40
C LYS A 229 3.34 -1.21 28.20
N GLU A 230 3.17 -2.08 27.21
CA GLU A 230 4.17 -3.09 26.92
C GLU A 230 5.46 -2.45 26.43
N LEU A 231 5.35 -1.44 25.58
CA LEU A 231 6.53 -0.73 25.07
C LEU A 231 7.23 -0.09 26.26
N ASP A 232 6.45 0.40 27.20
CA ASP A 232 6.98 1.04 28.40
C ASP A 232 7.83 0.00 29.15
N ARG A 233 7.29 -1.20 29.30
CA ARG A 233 7.98 -2.29 29.99
C ARG A 233 9.27 -2.73 29.32
N VAL A 234 9.19 -3.11 28.05
CA VAL A 234 10.38 -3.58 27.35
C VAL A 234 11.45 -2.51 27.20
N ILE A 235 11.05 -1.25 27.11
CA ILE A 235 12.02 -0.17 26.98
C ILE A 235 12.72 0.08 28.30
N GLY A 236 11.96 0.03 29.39
CA GLY A 236 12.56 0.25 30.70
C GLY A 236 13.48 -0.91 31.06
N ARG A 237 13.41 -1.97 30.27
CA ARG A 237 14.23 -3.17 30.50
C ARG A 237 15.50 -3.15 29.65
N ALA A 238 15.52 -2.29 28.63
CA ALA A 238 16.66 -2.20 27.73
C ALA A 238 17.92 -1.72 28.43
N PRO A 239 19.01 -2.50 28.35
CA PRO A 239 20.29 -2.14 28.98
C PRO A 239 20.99 -0.99 28.28
N GLY A 240 20.94 -1.00 26.95
CA GLY A 240 21.59 0.04 26.18
C GLY A 240 20.67 0.80 25.26
N ARG A 241 21.11 1.02 24.03
CA ARG A 241 20.30 1.74 23.06
C ARG A 241 19.04 0.98 22.67
N VAL A 242 18.05 1.72 22.20
CA VAL A 242 16.79 1.14 21.76
C VAL A 242 16.45 1.70 20.38
N PHE A 243 16.16 0.81 19.44
CA PHE A 243 15.76 1.21 18.10
C PHE A 243 14.31 0.78 17.94
N VAL A 244 13.46 1.69 17.48
CA VAL A 244 12.06 1.35 17.25
C VAL A 244 11.73 1.72 15.81
N THR A 245 11.23 0.74 15.06
CA THR A 245 10.83 0.97 13.67
C THR A 245 9.31 0.89 13.57
N THR A 246 8.74 1.75 12.74
CA THR A 246 7.29 1.78 12.55
C THR A 246 7.01 2.68 11.35
N PHE A 247 5.75 2.79 10.95
CA PHE A 247 5.44 3.66 9.82
C PHE A 247 5.47 5.09 10.30
N ALA A 248 5.90 5.99 9.41
CA ALA A 248 6.00 7.41 9.75
C ALA A 248 4.65 8.01 10.11
N SER A 249 3.58 7.45 9.57
CA SER A 249 2.24 7.98 9.83
C SER A 249 1.54 7.35 11.03
N HIS A 250 2.25 6.52 11.79
CA HIS A 250 1.65 5.90 12.97
C HIS A 250 1.88 6.82 14.16
N ILE A 251 1.22 7.97 14.12
CA ILE A 251 1.37 8.98 15.15
C ILE A 251 1.07 8.47 16.56
N HIS A 252 0.04 7.65 16.72
CA HIS A 252 -0.28 7.11 18.05
C HIS A 252 0.89 6.29 18.59
N ARG A 253 1.43 5.39 17.77
CA ARG A 253 2.55 4.56 18.17
C ARG A 253 3.77 5.41 18.52
N ILE A 254 4.04 6.42 17.69
CA ILE A 254 5.17 7.32 17.91
C ILE A 254 5.03 8.01 19.26
N GLN A 255 3.81 8.41 19.61
CA GLN A 255 3.56 9.06 20.90
C GLN A 255 3.81 8.04 22.04
N SER A 256 3.34 6.82 21.84
CA SER A 256 3.52 5.77 22.85
C SER A 256 5.00 5.53 23.12
N VAL A 257 5.80 5.55 22.05
CA VAL A 257 7.24 5.34 22.15
C VAL A 257 7.88 6.53 22.86
N ILE A 258 7.50 7.73 22.45
CA ILE A 258 8.04 8.94 23.06
C ILE A 258 7.79 8.95 24.57
N TRP A 259 6.59 8.58 25.00
CA TRP A 259 6.28 8.55 26.43
C TRP A 259 7.16 7.56 27.17
N ALA A 260 7.42 6.43 26.51
CA ALA A 260 8.25 5.37 27.10
C ALA A 260 9.67 5.90 27.28
N ALA A 261 10.22 6.48 26.22
CA ALA A 261 11.56 7.03 26.24
C ALA A 261 11.71 8.09 27.33
N GLU A 262 10.72 8.97 27.43
CA GLU A 262 10.75 10.05 28.42
C GLU A 262 10.72 9.53 29.86
N LYS A 263 9.85 8.56 30.11
CA LYS A 263 9.73 7.99 31.45
C LYS A 263 11.05 7.41 31.98
N TYR A 264 11.91 6.93 31.09
CA TYR A 264 13.18 6.34 31.52
C TYR A 264 14.38 7.20 31.20
N GLY A 265 14.14 8.50 31.03
CA GLY A 265 15.21 9.43 30.76
C GLY A 265 16.01 9.17 29.49
N ARG A 266 15.34 8.87 28.40
CA ARG A 266 16.03 8.65 27.12
C ARG A 266 15.64 9.78 26.16
N LYS A 267 16.63 10.31 25.44
CA LYS A 267 16.34 11.37 24.48
C LYS A 267 15.99 10.67 23.16
N VAL A 268 14.97 11.18 22.48
CA VAL A 268 14.51 10.59 21.24
C VAL A 268 15.09 11.19 19.96
N ALA A 269 15.80 10.35 19.21
CA ALA A 269 16.39 10.75 17.93
C ALA A 269 15.51 10.14 16.86
N GLU A 271 15.20 9.06 12.62
CA GLU A 271 15.86 8.84 11.33
C GLU A 271 14.84 8.42 10.29
N GLY A 272 14.91 9.02 9.11
CA GLY A 272 13.96 8.72 8.07
C GLY A 272 13.24 10.01 7.71
N ARG A 273 13.60 10.56 6.54
CA ARG A 273 13.03 11.82 6.06
C ARG A 273 11.53 11.97 6.28
N SER A 274 10.77 10.98 5.83
CA SER A 274 9.32 11.01 5.95
C SER A 274 8.79 11.07 7.38
N LEU A 276 10.47 12.33 10.10
CA LEU A 276 10.84 13.60 10.72
C LEU A 276 9.81 14.62 10.25
N LYS A 277 9.47 14.54 8.97
CA LYS A 277 8.51 15.45 8.35
C LYS A 277 7.13 15.30 8.94
N PHE A 278 6.62 14.08 8.96
CA PHE A 278 5.29 13.84 9.49
C PHE A 278 5.23 14.19 10.97
N SER A 279 6.30 13.90 11.70
CA SER A 279 6.36 14.20 13.13
C SER A 279 6.40 15.71 13.41
N ARG A 280 7.17 16.46 12.62
CA ARG A 280 7.23 17.90 12.79
C ARG A 280 5.81 18.47 12.64
N ILE A 281 5.15 18.07 11.56
CA ILE A 281 3.78 18.52 11.29
C ILE A 281 2.84 18.16 12.44
N ALA A 282 2.96 16.93 12.94
CA ALA A 282 2.12 16.50 14.05
C ALA A 282 2.38 17.35 15.29
N LEU A 283 3.64 17.71 15.51
CA LEU A 283 3.99 18.55 16.66
C LEU A 283 3.42 19.95 16.51
N GLU A 284 3.61 20.55 15.33
CA GLU A 284 3.10 21.90 15.06
C GLU A 284 1.59 21.96 15.29
N LEU A 285 0.88 20.96 14.80
CA LEU A 285 -0.57 20.92 14.89
C LEU A 285 -1.09 20.37 16.22
N GLY A 286 -0.17 20.05 17.13
CA GLY A 286 -0.56 19.56 18.45
C GLY A 286 -1.00 18.12 18.61
N TYR A 287 -0.72 17.26 17.64
CA TYR A 287 -1.12 15.86 17.74
C TYR A 287 -0.07 15.05 18.47
N LEU A 288 1.14 15.60 18.56
CA LEU A 288 2.24 14.95 19.27
C LEU A 288 2.78 15.90 20.34
N LYS A 289 3.17 15.34 21.48
CA LYS A 289 3.74 16.14 22.55
C LYS A 289 5.05 15.51 23.02
N VAL A 290 6.09 16.34 23.15
CA VAL A 290 7.40 15.88 23.58
C VAL A 290 7.96 16.74 24.72
N LYS A 291 8.20 16.12 25.88
CA LYS A 291 8.76 16.83 27.04
C LYS A 291 9.89 17.75 26.63
N ASP A 292 10.92 17.17 26.04
CA ASP A 292 12.08 17.92 25.58
C ASP A 292 11.80 18.26 24.12
N ARG A 293 12.57 17.67 23.21
CA ARG A 293 12.42 17.87 21.78
C ARG A 293 12.93 16.63 21.06
N LEU A 294 12.65 16.53 19.77
CA LEU A 294 13.12 15.39 18.99
C LEU A 294 14.49 15.78 18.46
N TYR A 295 15.41 14.83 18.47
CA TYR A 295 16.78 15.07 18.01
C TYR A 295 17.13 14.25 16.78
N THR A 296 18.31 14.54 16.21
CA THR A 296 18.79 13.82 15.04
C THR A 296 19.83 12.82 15.54
N LEU A 297 20.26 11.92 14.67
CA LEU A 297 21.25 10.92 15.07
C LEU A 297 22.52 11.60 15.56
N GLU A 298 23.02 12.55 14.78
CA GLU A 298 24.23 13.27 15.12
C GLU A 298 24.19 13.91 16.51
N GLU A 299 23.04 14.50 16.86
CA GLU A 299 22.89 15.16 18.15
C GLU A 299 22.99 14.21 19.34
N VAL A 300 22.68 12.93 19.11
CA VAL A 300 22.75 11.95 20.19
C VAL A 300 23.97 11.04 20.05
N LYS A 301 24.83 11.36 19.07
CA LYS A 301 26.03 10.59 18.80
C LYS A 301 26.77 10.09 20.05
N ASP A 302 27.24 11.01 20.88
CA ASP A 302 27.97 10.63 22.08
C ASP A 302 27.17 10.61 23.37
N LEU A 303 25.95 10.07 23.31
CA LEU A 303 25.12 9.96 24.50
C LEU A 303 25.30 8.55 25.03
N PRO A 304 25.18 8.37 26.35
CA PRO A 304 25.33 7.02 26.90
C PRO A 304 24.30 6.13 26.19
N ASP A 305 24.64 4.87 25.95
CA ASP A 305 23.72 3.95 25.27
C ASP A 305 22.33 3.93 25.91
N HIS A 306 22.28 3.87 27.24
CA HIS A 306 21.01 3.80 27.97
C HIS A 306 20.16 5.07 27.99
N GLN A 307 20.61 6.11 27.31
CA GLN A 307 19.84 7.35 27.28
C GLN A 307 19.51 7.71 25.85
N VAL A 308 19.45 6.69 24.99
CA VAL A 308 19.16 6.91 23.59
C VAL A 308 18.08 6.00 23.01
N LEU A 309 17.10 6.60 22.35
CA LEU A 309 16.06 5.83 21.69
C LEU A 309 15.94 6.39 20.29
N ILE A 310 16.05 5.51 19.31
CA ILE A 310 15.97 5.93 17.93
C ILE A 310 14.69 5.43 17.27
N LEU A 311 13.94 6.38 16.72
CA LEU A 311 12.71 6.09 16.02
C LEU A 311 13.10 6.16 14.55
N ALA A 312 12.91 5.07 13.81
CA ALA A 312 13.31 5.08 12.40
C ALA A 312 12.34 4.39 11.47
N THR A 313 12.48 4.72 10.19
CA THR A 313 11.66 4.13 9.13
C THR A 313 12.40 4.36 7.82
N GLY A 314 11.85 3.85 6.73
CA GLY A 314 12.49 4.02 5.43
C GLY A 314 12.16 5.37 4.82
N SER A 315 12.93 5.77 3.83
CA SER A 315 12.71 7.07 3.19
C SER A 315 11.26 7.34 2.79
N GLN A 316 10.57 6.32 2.32
CA GLN A 316 9.18 6.47 1.88
C GLN A 316 8.12 6.32 2.98
N GLY A 317 8.56 6.11 4.22
CA GLY A 317 7.59 5.98 5.30
C GLY A 317 7.43 4.59 5.90
N GLN A 318 7.91 3.57 5.21
CA GLN A 318 7.81 2.20 5.72
C GLN A 318 9.16 1.75 6.29
N PRO A 319 9.14 0.95 7.36
CA PRO A 319 10.31 0.42 8.07
C PRO A 319 11.24 -0.53 7.30
N SER A 321 13.01 -0.78 4.39
CA SER A 321 14.32 -0.34 3.89
C SER A 321 15.34 0.00 4.96
N VAL A 322 14.90 0.61 6.07
CA VAL A 322 15.84 0.96 7.13
C VAL A 322 16.22 -0.31 7.91
N LEU A 323 15.28 -1.24 8.08
CA LEU A 323 15.56 -2.48 8.78
C LEU A 323 16.56 -3.31 7.97
N HIS A 324 16.35 -3.35 6.65
CA HIS A 324 17.19 -4.11 5.74
C HIS A 324 18.60 -3.57 5.70
N ARG A 325 18.76 -2.26 5.74
CA ARG A 325 20.07 -1.64 5.71
C ARG A 325 20.79 -1.86 7.04
N LEU A 326 20.05 -1.76 8.13
CA LEU A 326 20.61 -1.97 9.45
C LEU A 326 21.10 -3.41 9.60
N ALA A 327 20.45 -4.32 8.89
CA ALA A 327 20.79 -5.73 8.98
C ALA A 327 21.78 -6.24 7.92
N PHE A 328 21.74 -5.67 6.73
CA PHE A 328 22.59 -6.14 5.65
C PHE A 328 23.56 -5.12 5.02
N GLU A 329 23.15 -4.52 3.91
CA GLU A 329 23.99 -3.56 3.20
C GLU A 329 24.63 -2.47 4.05
N GLY A 330 24.06 -2.18 5.22
CA GLY A 330 24.62 -1.16 6.07
C GLY A 330 24.03 0.22 5.88
N HIS A 331 23.95 0.97 6.97
CA HIS A 331 23.38 2.31 6.95
C HIS A 331 24.51 3.32 7.19
N ALA A 332 24.47 4.44 6.48
CA ALA A 332 25.51 5.46 6.59
C ALA A 332 25.53 6.23 7.90
N LYS A 333 24.36 6.39 8.51
CA LYS A 333 24.25 7.17 9.74
C LYS A 333 24.27 6.38 11.04
N ALA A 335 24.71 2.11 12.95
CA ALA A 335 25.04 0.69 12.83
C ALA A 335 24.64 -0.07 14.09
N ILE A 336 24.14 -1.29 13.90
CA ILE A 336 23.73 -2.13 15.02
C ILE A 336 24.96 -2.70 15.70
N LYS A 337 24.93 -2.76 17.03
CA LYS A 337 26.04 -3.32 17.78
C LYS A 337 25.46 -4.20 18.90
N PRO A 338 26.25 -5.17 19.39
CA PRO A 338 25.81 -6.07 20.45
C PRO A 338 25.25 -5.31 21.64
N GLY A 339 24.13 -5.75 22.18
CA GLY A 339 23.55 -5.07 23.31
C GLY A 339 22.41 -4.15 22.91
N ASP A 340 22.37 -3.75 21.64
CA ASP A 340 21.30 -2.89 21.16
C ASP A 340 19.99 -3.65 21.20
N THR A 341 18.91 -2.94 21.48
CA THR A 341 17.58 -3.53 21.49
C THR A 341 16.84 -2.96 20.29
N VAL A 342 16.29 -3.84 19.46
CA VAL A 342 15.56 -3.41 18.28
C VAL A 342 14.12 -3.88 18.38
N ILE A 343 13.20 -2.94 18.24
CA ILE A 343 11.77 -3.24 18.33
C ILE A 343 11.04 -2.94 17.05
N LEU A 344 10.48 -3.97 16.42
CA LEU A 344 9.72 -3.77 15.20
C LEU A 344 8.29 -3.51 15.66
N SER A 345 7.92 -2.23 15.68
CA SER A 345 6.58 -1.84 16.14
C SER A 345 5.59 -1.57 15.01
N SER A 346 5.48 -2.55 14.10
CA SER A 346 4.56 -2.51 12.98
C SER A 346 4.55 -3.90 12.35
N SER A 347 3.55 -4.20 11.52
CA SER A 347 3.48 -5.49 10.87
C SER A 347 4.02 -5.33 9.45
N PRO A 348 4.57 -6.41 8.88
CA PRO A 348 5.13 -6.35 7.53
C PRO A 348 4.10 -6.07 6.44
N ILE A 349 4.57 -5.43 5.37
CA ILE A 349 3.74 -5.14 4.22
C ILE A 349 3.35 -6.50 3.63
N PRO A 350 2.11 -6.65 3.14
CA PRO A 350 1.74 -7.96 2.58
C PRO A 350 2.80 -8.38 1.56
N GLY A 351 3.41 -9.53 1.78
CA GLY A 351 4.43 -10.02 0.86
C GLY A 351 5.84 -9.88 1.40
N ASN A 352 5.99 -9.21 2.54
CA ASN A 352 7.31 -9.01 3.13
C ASN A 352 7.49 -9.79 4.43
N GLU A 353 6.48 -10.59 4.77
CA GLU A 353 6.54 -11.35 6.02
C GLU A 353 7.84 -12.11 6.23
N GLU A 354 8.19 -12.94 5.27
CA GLU A 354 9.39 -13.73 5.43
C GLU A 354 10.67 -12.97 5.07
N ALA A 355 10.50 -11.77 4.51
CA ALA A 355 11.65 -10.92 4.22
C ALA A 355 12.01 -10.31 5.57
N VAL A 356 10.98 -10.06 6.39
CA VAL A 356 11.18 -9.50 7.73
C VAL A 356 11.84 -10.54 8.62
N ASN A 357 11.39 -11.79 8.53
CA ASN A 357 11.99 -12.86 9.33
C ASN A 357 13.49 -12.97 9.09
N ARG A 358 13.90 -12.81 7.84
CA ARG A 358 15.33 -12.86 7.51
C ARG A 358 16.06 -11.70 8.16
N VAL A 359 15.42 -10.53 8.15
CA VAL A 359 15.98 -9.35 8.77
C VAL A 359 16.14 -9.59 10.27
N ILE A 360 15.11 -10.17 10.88
CA ILE A 360 15.14 -10.47 12.32
C ILE A 360 16.28 -11.44 12.65
N ASN A 361 16.42 -12.46 11.83
CA ASN A 361 17.47 -13.45 12.02
C ASN A 361 18.82 -12.76 11.99
N ARG A 362 19.00 -11.90 10.99
CA ARG A 362 20.26 -11.18 10.85
C ARG A 362 20.52 -10.18 11.97
N LEU A 363 19.46 -9.53 12.46
CA LEU A 363 19.64 -8.58 13.55
C LEU A 363 20.09 -9.30 14.80
N TYR A 364 19.56 -10.49 15.02
CA TYR A 364 19.94 -11.30 16.18
C TYR A 364 21.41 -11.71 16.04
N ALA A 365 21.80 -12.11 14.84
CA ALA A 365 23.17 -12.54 14.57
C ALA A 365 24.16 -11.39 14.74
N LEU A 366 23.65 -10.17 14.73
CA LEU A 366 24.50 -8.99 14.89
C LEU A 366 24.67 -8.70 16.38
N GLY A 367 23.97 -9.45 17.21
CA GLY A 367 24.07 -9.27 18.65
C GLY A 367 23.00 -8.43 19.31
N ALA A 368 21.93 -8.09 18.60
CA ALA A 368 20.89 -7.28 19.21
C ALA A 368 19.75 -8.13 19.77
N TYR A 369 19.04 -7.55 20.75
CA TYR A 369 17.88 -8.19 21.34
C TYR A 369 16.70 -7.69 20.52
N VAL A 370 16.19 -8.53 19.64
CA VAL A 370 15.08 -8.13 18.79
C VAL A 370 13.71 -8.54 19.32
N LEU A 371 12.81 -7.57 19.38
CA LEU A 371 11.44 -7.79 19.84
C LEU A 371 10.57 -7.45 18.64
N TYR A 372 9.71 -8.40 18.25
CA TYR A 372 8.87 -8.23 17.08
C TYR A 372 7.56 -8.99 17.26
N PRO A 373 6.52 -8.60 16.50
CA PRO A 373 5.22 -9.27 16.57
C PRO A 373 5.24 -10.44 15.59
N PRO A 374 4.41 -11.47 15.84
CA PRO A 374 3.48 -11.53 16.97
C PRO A 374 4.09 -12.15 18.23
N THR A 375 5.35 -12.57 18.13
CA THR A 375 6.04 -13.19 19.26
C THR A 375 5.99 -12.26 20.48
N TYR A 376 6.30 -10.99 20.26
CA TYR A 376 6.27 -10.01 21.35
C TYR A 376 5.16 -9.01 21.09
N LYS A 377 4.44 -8.67 22.16
CA LYS A 377 3.32 -7.73 22.07
C LYS A 377 3.78 -6.28 21.99
N VAL A 378 4.60 -5.97 20.99
CA VAL A 378 5.11 -4.62 20.82
C VAL A 378 4.39 -3.92 19.67
N HIS A 379 3.28 -4.51 19.22
CA HIS A 379 2.47 -3.94 18.15
C HIS A 379 1.04 -4.47 18.21
N ALA A 380 0.12 -3.62 17.79
CA ALA A 380 -1.29 -3.98 17.76
C ALA A 380 -1.84 -3.44 16.44
N SER A 381 -2.66 -4.26 15.78
CA SER A 381 -3.28 -3.88 14.52
C SER A 381 -4.15 -2.64 14.71
N GLY A 382 -4.32 -1.87 13.64
CA GLY A 382 -5.15 -0.68 13.73
C GLY A 382 -6.53 -1.02 13.17
N HIS A 383 -6.78 -2.31 12.99
CA HIS A 383 -8.02 -2.77 12.41
C HIS A 383 -8.82 -3.69 13.34
N ALA A 384 -10.14 -3.61 13.18
CA ALA A 384 -11.10 -4.38 13.96
C ALA A 384 -11.10 -5.89 13.73
N SER A 385 -11.21 -6.64 14.82
CA SER A 385 -11.27 -8.08 14.75
C SER A 385 -12.75 -8.44 14.73
N GLN A 386 -13.06 -9.73 14.72
CA GLN A 386 -14.44 -10.16 14.61
C GLN A 386 -15.50 -9.61 15.54
N GLU A 387 -15.21 -9.44 16.82
CA GLU A 387 -16.23 -8.90 17.73
C GLU A 387 -16.55 -7.45 17.37
N GLU A 388 -15.54 -6.71 16.92
CA GLU A 388 -15.77 -5.31 16.54
C GLU A 388 -16.54 -5.27 15.23
N LEU A 389 -16.26 -6.21 14.33
CA LEU A 389 -16.95 -6.24 13.04
C LEU A 389 -18.42 -6.63 13.21
N LYS A 390 -18.66 -7.61 14.09
CA LYS A 390 -20.03 -8.05 14.33
C LYS A 390 -20.85 -6.92 14.94
N LEU A 391 -20.21 -6.11 15.78
CA LEU A 391 -20.91 -4.98 16.40
C LEU A 391 -21.33 -4.02 15.28
N ILE A 392 -20.41 -3.73 14.37
CA ILE A 392 -20.71 -2.83 13.26
C ILE A 392 -21.79 -3.45 12.36
N LEU A 393 -21.73 -4.76 12.16
CA LEU A 393 -22.72 -5.45 11.33
C LEU A 393 -24.12 -5.32 11.95
N ASN A 394 -24.22 -5.51 13.27
CA ASN A 394 -25.52 -5.40 13.95
C ASN A 394 -26.00 -3.96 14.06
N LEU A 395 -25.06 -3.02 14.07
CA LEU A 395 -25.38 -1.61 14.15
C LEU A 395 -25.98 -1.12 12.82
N THR A 396 -25.49 -1.69 11.72
CA THR A 396 -25.94 -1.28 10.40
C THR A 396 -26.95 -2.19 9.69
N THR A 397 -26.92 -3.48 9.99
CA THR A 397 -27.80 -4.47 9.35
C THR A 397 -28.08 -4.06 7.90
N PRO A 398 -27.03 -4.03 7.07
CA PRO A 398 -27.17 -3.62 5.66
C PRO A 398 -27.92 -4.64 4.80
N ARG A 399 -28.56 -4.15 3.75
CA ARG A 399 -29.25 -5.05 2.85
C ARG A 399 -28.16 -5.64 1.95
N PHE A 400 -27.23 -4.78 1.53
CA PHE A 400 -26.14 -5.22 0.67
C PHE A 400 -24.80 -5.00 1.38
N PHE A 401 -23.83 -5.84 1.05
CA PHE A 401 -22.53 -5.79 1.70
C PHE A 401 -21.37 -5.91 0.72
N LEU A 402 -20.34 -5.09 0.93
CA LEU A 402 -19.18 -5.09 0.06
C LEU A 402 -17.91 -4.98 0.90
N PRO A 403 -17.35 -6.13 1.33
CA PRO A 403 -16.14 -6.12 2.15
C PRO A 403 -15.04 -5.46 1.31
N TRP A 404 -14.22 -4.66 1.97
CA TRP A 404 -13.15 -3.91 1.31
C TRP A 404 -11.94 -3.87 2.22
N HIS A 405 -10.80 -3.43 1.69
CA HIS A 405 -9.57 -3.31 2.47
C HIS A 405 -9.04 -4.65 2.98
N GLY A 406 -8.88 -5.59 2.07
CA GLY A 406 -8.38 -6.90 2.43
C GLY A 406 -8.32 -7.76 1.19
N GLU A 407 -7.52 -8.80 1.22
CA GLU A 407 -7.40 -9.72 0.09
C GLU A 407 -8.63 -10.60 0.06
N VAL A 408 -8.74 -11.43 -0.97
CA VAL A 408 -9.90 -12.29 -1.14
C VAL A 408 -10.25 -13.15 0.07
N ARG A 409 -9.25 -13.70 0.76
CA ARG A 409 -9.55 -14.53 1.91
C ARG A 409 -10.15 -13.69 3.04
N HIS A 410 -9.65 -12.47 3.20
CA HIS A 410 -10.17 -11.58 4.22
C HIS A 410 -11.61 -11.25 3.88
N GLN A 411 -11.82 -10.83 2.63
CA GLN A 411 -13.15 -10.49 2.13
C GLN A 411 -14.11 -11.66 2.29
N ASN A 413 -13.86 -14.26 4.41
CA ASN A 413 -14.12 -14.54 5.80
C ASN A 413 -15.08 -13.51 6.42
N PHE A 414 -15.09 -12.30 5.88
CA PHE A 414 -16.00 -11.24 6.38
C PHE A 414 -17.39 -11.58 5.87
N LYS A 415 -17.44 -12.12 4.65
CA LYS A 415 -18.71 -12.52 4.05
C LYS A 415 -19.33 -13.63 4.91
N TRP A 416 -18.52 -14.62 5.26
CA TRP A 416 -19.00 -15.74 6.09
C TRP A 416 -19.45 -15.21 7.45
N LEU A 417 -18.73 -14.23 7.96
CA LEU A 417 -19.08 -13.63 9.25
C LEU A 417 -20.44 -12.96 9.15
N ALA A 418 -20.65 -12.20 8.08
CA ALA A 418 -21.91 -11.50 7.88
C ALA A 418 -23.06 -12.49 7.72
N GLU A 419 -22.80 -13.58 7.00
CA GLU A 419 -23.82 -14.60 6.75
C GLU A 419 -24.26 -15.36 7.99
N SER A 420 -23.50 -15.21 9.06
CA SER A 420 -23.84 -15.89 10.31
C SER A 420 -24.52 -14.96 11.30
N SER A 422 -27.81 -12.29 12.57
CA SER A 422 -29.26 -12.43 12.73
C SER A 422 -30.03 -12.11 11.45
N ARG A 423 -29.65 -11.03 10.78
CA ARG A 423 -30.29 -10.61 9.54
C ARG A 423 -29.18 -10.48 8.49
N PRO A 424 -28.75 -11.60 7.90
CA PRO A 424 -27.70 -11.56 6.89
C PRO A 424 -28.04 -10.62 5.73
N PRO A 425 -27.02 -10.08 5.05
CA PRO A 425 -27.29 -9.19 3.92
C PRO A 425 -28.00 -9.99 2.84
N GLU A 426 -28.81 -9.32 2.04
CA GLU A 426 -29.52 -10.01 0.96
C GLU A 426 -28.47 -10.63 0.05
N LYS A 427 -27.44 -9.85 -0.25
CA LYS A 427 -26.36 -10.32 -1.11
C LYS A 427 -25.06 -9.62 -0.74
N THR A 428 -23.97 -10.37 -0.80
CA THR A 428 -22.64 -9.83 -0.50
C THR A 428 -21.75 -10.06 -1.72
N LEU A 429 -21.07 -9.01 -2.16
CA LEU A 429 -20.18 -9.16 -3.31
C LEU A 429 -18.73 -8.99 -2.90
N ILE A 430 -17.85 -9.73 -3.57
CA ILE A 430 -16.42 -9.64 -3.30
C ILE A 430 -15.91 -8.63 -4.33
N GLY A 431 -15.61 -7.42 -3.86
CA GLY A 431 -15.16 -6.36 -4.76
C GLY A 431 -13.78 -6.53 -5.38
N GLU A 432 -13.65 -6.02 -6.60
CA GLU A 432 -12.41 -6.08 -7.36
C GLU A 432 -12.06 -4.69 -7.87
N ASN A 433 -10.77 -4.42 -8.07
CA ASN A 433 -10.33 -3.15 -8.60
C ASN A 433 -10.75 -3.09 -10.08
N GLY A 434 -11.28 -1.95 -10.50
CA GLY A 434 -11.68 -1.81 -11.89
C GLY A 434 -13.09 -2.26 -12.22
N ALA A 435 -13.73 -2.95 -11.28
CA ALA A 435 -15.08 -3.42 -11.50
C ALA A 435 -16.06 -2.26 -11.28
N VAL A 436 -17.19 -2.30 -11.98
CA VAL A 436 -18.22 -1.27 -11.88
C VAL A 436 -19.46 -1.87 -11.23
N TYR A 437 -19.80 -1.40 -10.04
CA TYR A 437 -20.97 -1.91 -9.34
C TYR A 437 -22.13 -0.94 -9.43
N ARG A 438 -23.30 -1.47 -9.76
CA ARG A 438 -24.50 -0.63 -9.87
C ARG A 438 -25.37 -0.88 -8.66
N LEU A 439 -25.73 0.19 -7.97
CA LEU A 439 -26.57 0.07 -6.80
C LEU A 439 -27.88 0.81 -7.00
N THR A 440 -28.98 0.10 -6.79
CA THR A 440 -30.30 0.71 -6.88
C THR A 440 -30.91 0.43 -5.52
N ARG A 441 -32.18 0.80 -5.33
CA ARG A 441 -32.84 0.58 -4.05
C ARG A 441 -33.13 -0.91 -3.81
N GLU A 442 -33.19 -1.68 -4.89
CA GLU A 442 -33.51 -3.10 -4.79
C GLU A 442 -32.41 -4.04 -5.30
N THR A 443 -31.40 -3.48 -5.97
CA THR A 443 -30.35 -4.31 -6.51
C THR A 443 -28.92 -3.80 -6.31
N PHE A 444 -27.98 -4.70 -6.50
CA PHE A 444 -26.57 -4.42 -6.33
C PHE A 444 -25.86 -5.47 -7.17
N GLU A 445 -25.10 -5.05 -8.18
CA GLU A 445 -24.43 -6.01 -9.02
C GLU A 445 -23.28 -5.44 -9.85
N LYS A 446 -22.31 -6.28 -10.18
CA LYS A 446 -21.20 -5.87 -11.01
C LYS A 446 -21.78 -5.80 -12.42
N VAL A 447 -21.64 -4.67 -13.11
CA VAL A 447 -22.18 -4.55 -14.45
C VAL A 447 -21.14 -4.25 -15.51
N GLY A 448 -19.87 -4.16 -15.10
CA GLY A 448 -18.83 -3.89 -16.08
C GLY A 448 -17.46 -3.71 -15.46
N GLU A 449 -16.53 -3.23 -16.27
CA GLU A 449 -15.17 -2.96 -15.83
C GLU A 449 -14.67 -1.74 -16.57
N VAL A 450 -13.61 -1.14 -16.04
CA VAL A 450 -12.99 0.02 -16.67
C VAL A 450 -11.50 -0.20 -16.57
N PRO A 451 -10.70 0.45 -17.45
CA PRO A 451 -9.26 0.26 -17.38
C PRO A 451 -8.79 0.47 -15.94
N HIS A 452 -8.00 -0.47 -15.43
CA HIS A 452 -7.49 -0.37 -14.07
C HIS A 452 -6.14 -1.05 -13.95
N GLY A 453 -5.48 -0.84 -12.83
CA GLY A 453 -4.18 -1.44 -12.62
C GLY A 453 -3.30 -0.60 -11.74
N VAL A 454 -2.00 -0.78 -11.91
CA VAL A 454 -1.01 -0.07 -11.13
C VAL A 454 0.05 0.57 -12.02
N LEU A 455 0.77 1.53 -11.45
CA LEU A 455 1.85 2.20 -12.12
C LEU A 455 2.98 2.12 -11.13
N TYR A 456 4.17 1.78 -11.61
CA TYR A 456 5.33 1.65 -10.74
C TYR A 456 6.15 2.92 -10.69
N VAL A 457 6.55 3.29 -9.48
CA VAL A 457 7.32 4.51 -9.25
C VAL A 457 8.65 4.33 -8.54
N ASP A 458 9.71 4.88 -9.13
CA ASP A 458 11.03 4.85 -8.51
C ASP A 458 11.57 6.27 -8.57
N GLY A 459 12.81 6.45 -8.12
CA GLY A 459 13.39 7.79 -8.13
C GLY A 459 13.22 8.51 -9.45
N LEU A 460 13.50 7.83 -10.55
CA LEU A 460 13.39 8.41 -11.89
C LEU A 460 11.95 8.67 -12.36
N GLY A 461 11.05 8.91 -11.41
CA GLY A 461 9.67 9.20 -11.76
C GLY A 461 8.74 8.01 -11.92
N VAL A 462 7.51 8.29 -12.30
CA VAL A 462 6.49 7.27 -12.51
C VAL A 462 6.62 6.61 -13.88
N GLY A 463 6.36 5.30 -13.92
CA GLY A 463 6.45 4.57 -15.18
C GLY A 463 7.85 4.11 -15.55
N ASP A 464 8.88 4.60 -14.86
CA ASP A 464 10.25 4.19 -15.14
C ASP A 464 10.36 2.67 -15.13
N ILE A 465 9.44 2.05 -14.40
CA ILE A 465 9.37 0.59 -14.30
C ILE A 465 8.00 0.24 -14.84
N THR A 466 7.92 -0.83 -15.63
CA THR A 466 6.65 -1.22 -16.22
C THR A 466 6.32 -2.69 -16.00
N GLU A 467 5.08 -3.03 -16.31
CA GLU A 467 4.61 -4.40 -16.18
C GLU A 467 5.44 -5.29 -17.10
N GLU A 468 5.82 -4.74 -18.25
CA GLU A 468 6.61 -5.47 -19.23
C GLU A 468 7.99 -5.72 -18.66
N ILE A 469 8.63 -4.66 -18.19
CA ILE A 469 9.95 -4.75 -17.58
C ILE A 469 9.92 -5.80 -16.47
N LEU A 470 8.83 -5.76 -15.70
CA LEU A 470 8.63 -6.70 -14.59
C LEU A 470 8.43 -8.11 -15.10
N ALA A 471 7.65 -8.25 -16.17
CA ALA A 471 7.37 -9.56 -16.74
C ALA A 471 8.66 -10.21 -17.27
N ASP A 472 9.50 -9.43 -17.94
CA ASP A 472 10.75 -9.98 -18.46
C ASP A 472 11.67 -10.38 -17.34
N ARG A 473 11.68 -9.60 -16.26
CA ARG A 473 12.52 -9.88 -15.11
C ARG A 473 12.14 -11.23 -14.48
N ARG A 474 10.85 -11.53 -14.48
CA ARG A 474 10.36 -12.80 -13.91
C ARG A 474 10.67 -13.97 -14.84
N HIS A 475 10.42 -13.78 -16.13
CA HIS A 475 10.68 -14.81 -17.12
C HIS A 475 12.17 -15.12 -17.03
N ALA A 477 14.26 -14.33 -14.26
CA ALA A 477 14.53 -14.87 -12.94
C ALA A 477 14.20 -16.35 -12.74
N GLU A 478 13.19 -16.83 -13.45
CA GLU A 478 12.75 -18.22 -13.32
C GLU A 478 13.25 -19.23 -14.36
N GLU A 479 13.47 -18.78 -15.60
CA GLU A 479 13.89 -19.68 -16.66
C GLU A 479 15.31 -19.46 -17.19
N GLY A 480 15.88 -18.29 -16.92
CA GLY A 480 17.22 -18.03 -17.40
C GLY A 480 17.25 -17.32 -18.74
N LEU A 481 18.43 -17.28 -19.36
CA LEU A 481 18.60 -16.59 -20.62
C LEU A 481 19.46 -17.32 -21.65
N VAL A 482 19.04 -17.24 -22.92
CA VAL A 482 19.77 -17.84 -24.02
C VAL A 482 19.94 -16.80 -25.14
N VAL A 483 21.14 -16.26 -25.28
CA VAL A 483 21.43 -15.27 -26.31
C VAL A 483 22.07 -15.89 -27.55
N ILE A 484 21.38 -15.76 -28.69
CA ILE A 484 21.87 -16.30 -29.96
C ILE A 484 22.30 -15.17 -30.90
N THR A 485 23.62 -15.02 -31.05
CA THR A 485 24.18 -13.98 -31.91
C THR A 485 24.36 -14.51 -33.34
N ALA A 486 23.61 -13.96 -34.28
CA ALA A 486 23.68 -14.41 -35.67
C ALA A 486 24.08 -13.32 -36.68
N LEU A 487 25.13 -13.60 -37.45
CA LEU A 487 25.63 -12.68 -38.46
C LEU A 487 25.13 -13.12 -39.84
N ALA A 488 24.18 -12.37 -40.38
CA ALA A 488 23.61 -12.68 -41.68
C ALA A 488 24.45 -12.10 -42.82
N GLY A 489 25.25 -12.97 -43.44
CA GLY A 489 26.10 -12.57 -44.55
C GLY A 489 26.33 -13.78 -45.44
N GLU A 490 27.27 -13.70 -46.37
CA GLU A 490 27.54 -14.84 -47.24
C GLU A 490 28.33 -15.92 -46.51
N ASP A 491 28.91 -15.53 -45.38
CA ASP A 491 29.65 -16.47 -44.52
C ASP A 491 29.02 -16.34 -43.12
N PRO A 492 27.79 -16.83 -42.97
CA PRO A 492 27.02 -16.80 -41.72
C PRO A 492 27.79 -17.26 -40.49
N VAL A 493 27.46 -16.64 -39.36
CA VAL A 493 28.11 -16.97 -38.09
C VAL A 493 27.04 -17.02 -37.00
N VAL A 494 27.12 -18.03 -36.14
CA VAL A 494 26.17 -18.15 -35.06
C VAL A 494 26.85 -18.55 -33.77
N GLU A 495 26.64 -17.76 -32.73
CA GLU A 495 27.21 -18.03 -31.42
C GLU A 495 26.09 -18.02 -30.41
N VAL A 496 26.10 -18.99 -29.50
CA VAL A 496 25.07 -19.09 -28.50
C VAL A 496 25.69 -19.09 -27.11
N VAL A 497 25.14 -18.27 -26.22
CA VAL A 497 25.64 -18.20 -24.85
C VAL A 497 24.42 -18.17 -23.93
N SER A 498 24.60 -18.55 -22.67
CA SER A 498 23.47 -18.55 -21.74
C SER A 498 23.85 -18.14 -20.34
N ARG A 499 22.85 -17.84 -19.52
CA ARG A 499 23.06 -17.45 -18.14
C ARG A 499 21.81 -17.80 -17.34
N GLY A 500 22.02 -18.37 -16.16
CA GLY A 500 20.90 -18.75 -15.31
C GLY A 500 20.08 -19.85 -15.97
N PHE A 501 20.71 -20.55 -16.90
CA PHE A 501 20.05 -21.62 -17.64
C PHE A 501 20.57 -22.97 -17.14
N VAL A 502 19.67 -23.94 -17.08
CA VAL A 502 19.99 -25.28 -16.62
C VAL A 502 21.21 -25.88 -17.33
N LYS A 503 22.14 -26.41 -16.54
CA LYS A 503 23.36 -27.02 -17.07
C LYS A 503 23.03 -27.98 -18.21
N ALA A 504 21.98 -28.76 -18.02
CA ALA A 504 21.55 -29.71 -19.03
C ALA A 504 21.34 -29.00 -20.35
N GLY A 505 20.58 -27.90 -20.31
CA GLY A 505 20.32 -27.14 -21.52
C GLY A 505 21.58 -26.48 -22.04
N GLU A 506 22.44 -26.09 -21.10
CA GLU A 506 23.70 -25.44 -21.41
C GLU A 506 24.57 -26.33 -22.31
N ARG A 507 24.28 -27.63 -22.32
CA ARG A 507 25.04 -28.58 -23.13
C ARG A 507 24.35 -28.78 -24.48
N LEU A 508 23.23 -28.12 -24.69
CA LEU A 508 22.49 -28.24 -25.94
C LEU A 508 22.61 -26.98 -26.78
N LEU A 509 23.46 -26.05 -26.36
CA LEU A 509 23.64 -24.80 -27.07
C LEU A 509 24.31 -25.02 -28.43
N GLY A 510 25.11 -26.07 -28.53
CA GLY A 510 25.75 -26.39 -29.79
C GLY A 510 24.68 -26.77 -30.80
N GLU A 511 23.69 -27.52 -30.33
CA GLU A 511 22.58 -27.96 -31.18
C GLU A 511 21.71 -26.74 -31.51
N VAL A 512 21.69 -25.79 -30.59
CA VAL A 512 20.93 -24.57 -30.79
C VAL A 512 21.61 -23.79 -31.92
N ARG A 513 22.91 -23.55 -31.73
CA ARG A 513 23.70 -22.83 -32.72
C ARG A 513 23.50 -23.42 -34.11
N ARG A 514 23.51 -24.75 -34.17
CA ARG A 514 23.37 -25.47 -35.43
C ARG A 514 22.03 -25.24 -36.11
N ALA A 516 20.12 -22.81 -35.63
CA ALA A 516 20.02 -21.38 -35.88
C ALA A 516 20.74 -21.07 -37.19
N LEU A 517 21.83 -21.80 -37.45
CA LEU A 517 22.63 -21.63 -38.66
C LEU A 517 21.83 -21.98 -39.90
N GLU A 518 21.13 -23.11 -39.85
CA GLU A 518 20.31 -23.56 -40.96
C GLU A 518 19.24 -22.51 -41.23
N ALA A 519 18.67 -21.98 -40.16
CA ALA A 519 17.63 -20.96 -40.27
C ALA A 519 18.25 -19.69 -40.84
N LEU A 520 19.43 -19.34 -40.34
CA LEU A 520 20.13 -18.15 -40.80
C LEU A 520 20.47 -18.24 -42.27
N LYS A 521 21.01 -19.39 -42.69
CA LYS A 521 21.38 -19.59 -44.09
C LYS A 521 20.16 -19.56 -45.00
N ASN A 522 19.11 -20.26 -44.61
CA ASN A 522 17.89 -20.28 -45.42
C ASN A 522 17.33 -18.86 -45.47
N GLY A 523 17.46 -18.15 -44.35
CA GLY A 523 16.97 -16.78 -44.30
C GLY A 523 17.69 -15.91 -45.30
N VAL A 524 19.02 -16.01 -45.33
CA VAL A 524 19.83 -15.24 -46.26
C VAL A 524 19.49 -15.64 -47.68
N ARG A 525 19.77 -16.91 -48.00
CA ARG A 525 19.53 -17.47 -49.32
C ARG A 525 18.15 -17.10 -49.86
N GLU A 526 17.20 -16.86 -48.96
CA GLU A 526 15.83 -16.52 -49.33
C GLU A 526 15.52 -15.02 -49.28
N LYS A 527 16.55 -14.20 -49.07
CA LYS A 527 16.40 -12.75 -49.01
C LYS A 527 15.45 -12.24 -47.93
N LYS A 528 15.16 -13.06 -46.93
CA LYS A 528 14.27 -12.67 -45.85
C LYS A 528 14.77 -11.48 -45.05
N PRO A 529 13.85 -10.71 -44.44
CA PRO A 529 14.17 -9.54 -43.63
C PRO A 529 14.73 -10.02 -42.28
N LEU A 530 15.60 -9.24 -41.66
CA LEU A 530 16.19 -9.61 -40.38
C LEU A 530 15.17 -10.00 -39.31
N GLU A 531 13.94 -9.49 -39.42
CA GLU A 531 12.91 -9.81 -38.44
C GLU A 531 12.32 -11.20 -38.60
N ARG A 532 12.12 -11.63 -39.84
CA ARG A 532 11.57 -12.97 -40.08
C ARG A 532 12.65 -14.02 -39.87
N ILE A 533 13.91 -13.60 -39.98
CA ILE A 533 15.03 -14.51 -39.76
C ILE A 533 15.09 -14.70 -38.25
N ARG A 534 14.84 -13.61 -37.53
CA ARG A 534 14.85 -13.64 -36.08
C ARG A 534 13.79 -14.62 -35.61
N ASP A 535 12.59 -14.51 -36.18
CA ASP A 535 11.51 -15.41 -35.83
C ASP A 535 11.90 -16.84 -36.19
N ASP A 536 12.46 -17.03 -37.39
CA ASP A 536 12.87 -18.35 -37.85
C ASP A 536 13.86 -19.01 -36.90
N ILE A 537 14.64 -18.21 -36.18
CA ILE A 537 15.61 -18.74 -35.23
C ILE A 537 14.93 -18.97 -33.89
N TYR A 538 14.21 -17.95 -33.43
CA TYR A 538 13.50 -17.97 -32.16
C TYR A 538 12.58 -19.18 -31.93
N TYR A 539 11.52 -19.27 -32.73
CA TYR A 539 10.53 -20.34 -32.60
C TYR A 539 11.06 -21.77 -32.56
N PRO A 540 11.94 -22.13 -33.50
CA PRO A 540 12.46 -23.50 -33.48
C PRO A 540 13.24 -23.82 -32.21
N VAL A 541 14.17 -22.93 -31.85
CA VAL A 541 14.99 -23.11 -30.65
C VAL A 541 14.11 -23.13 -29.40
N LYS A 542 13.07 -22.31 -29.41
CA LYS A 542 12.13 -22.23 -28.29
C LYS A 542 11.53 -23.63 -28.10
N LYS A 543 10.94 -24.15 -29.17
CA LYS A 543 10.32 -25.47 -29.14
C LYS A 543 11.33 -26.57 -28.80
N PHE A 544 12.50 -26.50 -29.42
CA PHE A 544 13.54 -27.50 -29.19
C PHE A 544 13.93 -27.61 -27.72
N LEU A 545 14.32 -26.49 -27.10
CA LEU A 545 14.73 -26.49 -25.70
C LEU A 545 13.58 -26.89 -24.78
N LYS A 546 12.35 -26.66 -25.24
CA LYS A 546 11.18 -27.02 -24.44
C LYS A 546 11.06 -28.53 -24.47
N LYS A 547 10.93 -29.07 -25.67
CA LYS A 547 10.80 -30.51 -25.89
C LYS A 547 12.04 -31.27 -25.46
N ALA A 548 13.09 -30.55 -25.07
CA ALA A 548 14.34 -31.17 -24.66
C ALA A 548 14.71 -31.02 -23.18
N THR A 549 14.28 -29.93 -22.56
CA THR A 549 14.59 -29.70 -21.16
C THR A 549 13.37 -29.36 -20.33
N GLY A 550 12.24 -29.10 -21.00
CA GLY A 550 11.02 -28.76 -20.28
C GLY A 550 11.12 -27.37 -19.67
N ARG A 551 12.04 -26.56 -20.20
CA ARG A 551 12.25 -25.21 -19.71
C ARG A 551 11.92 -24.17 -20.77
N ASP A 552 11.49 -22.99 -20.33
CA ASP A 552 11.16 -21.89 -21.22
C ASP A 552 12.08 -20.70 -20.98
N PRO A 553 13.37 -20.84 -21.30
CA PRO A 553 14.31 -19.75 -21.09
C PRO A 553 13.98 -18.60 -22.03
N ILE A 555 14.76 -16.44 -24.94
CA ILE A 555 15.64 -16.56 -26.08
C ILE A 555 15.72 -15.23 -26.83
N LEU A 556 16.90 -14.60 -26.75
CA LEU A 556 17.15 -13.33 -27.43
C LEU A 556 17.98 -13.52 -28.68
N PRO A 557 17.32 -13.62 -29.86
CA PRO A 557 18.06 -13.80 -31.10
C PRO A 557 18.49 -12.43 -31.64
N VAL A 558 19.79 -12.18 -31.69
CA VAL A 558 20.28 -10.91 -32.21
C VAL A 558 20.87 -11.15 -33.61
N VAL A 559 20.06 -10.85 -34.63
CA VAL A 559 20.48 -11.03 -36.02
C VAL A 559 21.01 -9.73 -36.63
N ILE A 560 22.28 -9.72 -37.00
CA ILE A 560 22.90 -8.54 -37.60
C ILE A 560 23.39 -8.80 -39.02
N GLU A 561 23.08 -7.87 -39.92
CA GLU A 561 23.50 -7.95 -41.31
C GLU A 561 25.03 -8.00 -41.35
N GLY A 562 25.55 -8.79 -42.29
CA GLY A 562 26.99 -8.94 -42.45
C GLY A 562 27.84 -8.64 -41.22
#